data_1OJR
#
_entry.id   1OJR
#
_cell.length_a   108.024
_cell.length_b   108.024
_cell.length_c   57.166
_cell.angle_alpha   90.00
_cell.angle_beta   90.00
_cell.angle_gamma   90.00
#
_symmetry.space_group_name_H-M   'P 4 21 2'
#
loop_
_entity.id
_entity.type
_entity.pdbx_description
1 polymer 'RHAMNULOSE-1-PHOSPHATE ALDOLASE'
2 non-polymer 'ZINC ION'
3 non-polymer 'PHOSPHATE ION'
4 non-polymer Dihydroxyacetone
5 non-polymer '1,4-DIETHYLENE DIOXIDE'
6 non-polymer GLYCEROL
7 water water
#
_entity_poly.entity_id   1
_entity_poly.type   'polypeptide(L)'
_entity_poly.pdbx_seq_one_letter_code
;MQNITQSWFVQGMIKATTDAWLKGWDERNGGNLTLRLDDADIAPYHDNFHQQPRYIPLSQPMPLLANTPFIVTGSGKFFR
NVQLDPAANLGIVKVDSDGAGYHILWGLTNEAVPTSELPAHFLSHCERIKATNGKDRVIMHCHATNLIALTYVLENDTAV
FTRQLWEGSTECLVVFPDGVGILPWMVPGTDAIGQATAQEMQKHSLVLWPFHGVFGSGPTLDETFGLIDTAEKSAQVLVK
VYSMGGMKQTISREELIALGKRFGVTPLASALAL
;
_entity_poly.pdbx_strand_id   A
#
loop_
_chem_comp.id
_chem_comp.type
_chem_comp.name
_chem_comp.formula
2HA saccharide Dihydroxyacetone 'C3 H6 O3'
DIO non-polymer '1,4-DIETHYLENE DIOXIDE' 'C4 H8 O2'
GOL non-polymer GLYCEROL 'C3 H8 O3'
PO4 non-polymer 'PHOSPHATE ION' 'O4 P -3'
ZN non-polymer 'ZINC ION' 'Zn 2'
#
# COMPACT_ATOMS: atom_id res chain seq x y z
N MET A 1 20.96 -21.19 -5.41
N MET A 1 20.54 -20.21 -5.37
CA MET A 1 19.81 -21.17 -4.46
CA MET A 1 19.72 -21.02 -4.43
C MET A 1 18.55 -21.64 -5.16
C MET A 1 18.57 -21.69 -5.16
N GLN A 2 17.57 -22.09 -4.37
CA GLN A 2 16.30 -22.56 -4.87
C GLN A 2 15.81 -21.58 -5.94
N ASN A 3 14.82 -21.98 -6.73
CA ASN A 3 14.25 -21.10 -7.75
C ASN A 3 13.66 -19.84 -7.10
N ILE A 4 13.70 -18.72 -7.83
CA ILE A 4 13.23 -17.45 -7.30
C ILE A 4 11.74 -17.47 -6.97
N THR A 5 10.97 -18.32 -7.63
CA THR A 5 9.54 -18.41 -7.35
C THR A 5 9.31 -18.84 -5.90
N GLN A 6 10.27 -19.57 -5.35
CA GLN A 6 10.19 -20.06 -3.98
C GLN A 6 10.81 -19.09 -2.97
N SER A 7 11.31 -17.95 -3.46
CA SER A 7 11.92 -16.95 -2.58
C SER A 7 10.87 -16.37 -1.63
N TRP A 8 11.34 -15.83 -0.52
CA TRP A 8 10.42 -15.24 0.47
C TRP A 8 9.61 -14.10 -0.13
N PHE A 9 10.21 -13.34 -1.04
CA PHE A 9 9.54 -12.16 -1.57
C PHE A 9 8.52 -12.51 -2.65
N VAL A 10 8.83 -13.47 -3.51
CA VAL A 10 7.82 -13.89 -4.47
C VAL A 10 6.68 -14.58 -3.74
N GLN A 11 7.00 -15.47 -2.82
CA GLN A 11 5.96 -16.13 -2.05
C GLN A 11 5.11 -15.13 -1.25
N GLY A 12 5.76 -14.10 -0.71
CA GLY A 12 5.08 -13.07 0.05
C GLY A 12 4.12 -12.27 -0.83
N MET A 13 4.55 -11.97 -2.05
CA MET A 13 3.69 -11.24 -2.98
C MET A 13 2.48 -12.10 -3.34
N ILE A 14 2.70 -13.39 -3.55
CA ILE A 14 1.60 -14.32 -3.84
C ILE A 14 0.63 -14.34 -2.64
N LYS A 15 1.15 -14.44 -1.43
CA LYS A 15 0.29 -14.53 -0.27
C LYS A 15 -0.57 -13.28 -0.10
N ALA A 16 0.05 -12.11 -0.23
CA ALA A 16 -0.66 -10.86 0.00
C ALA A 16 -1.73 -10.61 -1.04
N THR A 17 -1.39 -10.83 -2.31
CA THR A 17 -2.37 -10.62 -3.37
C THR A 17 -3.50 -11.66 -3.30
N THR A 18 -3.16 -12.90 -2.99
CA THR A 18 -4.18 -13.93 -2.90
C THR A 18 -5.10 -13.65 -1.71
N ASP A 19 -4.52 -13.28 -0.58
CA ASP A 19 -5.32 -12.97 0.60
C ASP A 19 -6.28 -11.81 0.32
N ALA A 20 -5.79 -10.79 -0.37
CA ALA A 20 -6.60 -9.63 -0.68
C ALA A 20 -7.72 -10.01 -1.68
N TRP A 21 -7.40 -10.87 -2.64
CA TRP A 21 -8.42 -11.41 -3.54
C TRP A 21 -9.52 -12.09 -2.72
N LEU A 22 -9.12 -12.96 -1.78
CA LEU A 22 -10.11 -13.66 -0.98
C LEU A 22 -10.95 -12.75 -0.10
N LYS A 23 -10.38 -11.61 0.31
CA LYS A 23 -11.12 -10.63 1.09
C LYS A 23 -12.18 -9.89 0.29
N GLY A 24 -12.15 -9.99 -1.04
CA GLY A 24 -13.07 -9.25 -1.89
C GLY A 24 -12.63 -7.82 -2.13
N TRP A 25 -11.34 -7.55 -2.01
CA TRP A 25 -10.81 -6.21 -2.17
C TRP A 25 -10.22 -5.94 -3.54
N ASP A 26 -10.20 -6.94 -4.42
CA ASP A 26 -9.47 -6.82 -5.67
C ASP A 26 -10.11 -7.50 -6.86
N GLU A 27 -11.31 -7.04 -7.15
CA GLU A 27 -12.01 -7.44 -8.34
C GLU A 27 -11.21 -7.06 -9.57
N ARG A 28 -11.29 -7.88 -10.61
CA ARG A 28 -10.62 -7.57 -11.88
CA ARG A 28 -10.65 -7.52 -11.86
C ARG A 28 -9.14 -7.23 -11.66
N ASN A 29 -8.67 -6.10 -12.19
CA ASN A 29 -7.29 -5.66 -12.02
C ASN A 29 -7.17 -4.61 -10.91
N GLY A 30 -8.21 -4.49 -10.08
CA GLY A 30 -8.19 -3.50 -9.02
C GLY A 30 -7.13 -3.81 -8.00
N GLY A 31 -6.40 -2.77 -7.61
CA GLY A 31 -5.35 -2.90 -6.63
C GLY A 31 -3.97 -3.08 -7.27
N ASN A 32 -2.95 -2.79 -6.48
CA ASN A 32 -1.58 -2.94 -6.92
C ASN A 32 -0.67 -2.95 -5.70
N LEU A 33 0.49 -3.56 -5.85
CA LEU A 33 1.35 -3.80 -4.71
C LEU A 33 2.81 -3.73 -5.13
N THR A 34 3.62 -2.99 -4.37
CA THR A 34 5.04 -2.90 -4.61
C THR A 34 5.83 -3.06 -3.31
N LEU A 35 6.93 -3.79 -3.39
CA LEU A 35 7.76 -4.11 -2.25
C LEU A 35 9.22 -3.79 -2.60
N ARG A 36 9.83 -2.93 -1.80
CA ARG A 36 11.23 -2.56 -1.96
C ARG A 36 12.14 -3.62 -1.37
N LEU A 37 13.06 -4.10 -2.20
CA LEU A 37 13.99 -5.13 -1.81
C LEU A 37 15.39 -4.54 -1.70
N ASP A 38 16.32 -5.38 -1.27
CA ASP A 38 17.73 -5.03 -1.25
C ASP A 38 18.41 -5.86 -2.33
N ASP A 39 19.56 -5.41 -2.81
CA ASP A 39 20.29 -6.19 -3.81
C ASP A 39 20.59 -7.59 -3.28
N ALA A 40 20.92 -7.69 -1.99
CA ALA A 40 21.23 -8.99 -1.40
C ALA A 40 20.06 -9.96 -1.46
N ASP A 41 18.83 -9.46 -1.52
CA ASP A 41 17.68 -10.35 -1.62
C ASP A 41 17.63 -11.05 -2.96
N ILE A 42 17.95 -10.33 -4.04
CA ILE A 42 17.79 -10.88 -5.38
C ILE A 42 19.06 -11.44 -6.00
N ALA A 43 20.22 -10.98 -5.55
CA ALA A 43 21.50 -11.39 -6.12
C ALA A 43 21.69 -12.90 -6.25
N PRO A 44 21.31 -13.67 -5.24
CA PRO A 44 21.45 -15.13 -5.30
C PRO A 44 20.64 -15.77 -6.43
N TYR A 45 19.64 -15.08 -6.95
CA TYR A 45 18.77 -15.63 -7.97
C TYR A 45 19.11 -15.16 -9.38
N HIS A 46 20.32 -14.63 -9.56
CA HIS A 46 20.74 -14.10 -10.85
C HIS A 46 20.51 -15.07 -12.02
N ASP A 47 20.64 -16.37 -11.79
CA ASP A 47 20.44 -17.36 -12.85
C ASP A 47 19.00 -17.41 -13.38
N ASN A 48 18.05 -16.91 -12.59
CA ASN A 48 16.65 -16.91 -12.96
C ASN A 48 16.22 -15.63 -13.70
N PHE A 49 17.11 -14.65 -13.78
CA PHE A 49 16.77 -13.39 -14.44
C PHE A 49 16.67 -13.54 -15.95
N HIS A 50 15.96 -12.61 -16.57
CA HIS A 50 15.92 -12.52 -18.01
C HIS A 50 17.34 -12.28 -18.50
N GLN A 51 17.73 -12.90 -19.61
CA GLN A 51 19.07 -12.71 -20.16
CA GLN A 51 19.07 -12.71 -20.15
C GLN A 51 19.31 -11.26 -20.58
N GLN A 52 18.26 -10.64 -21.10
CA GLN A 52 18.34 -9.27 -21.58
C GLN A 52 17.14 -8.48 -21.04
N PRO A 53 17.23 -8.08 -19.78
CA PRO A 53 16.14 -7.32 -19.15
C PRO A 53 15.66 -6.08 -19.92
N ARG A 54 14.34 -5.95 -20.05
CA ARG A 54 13.75 -4.80 -20.73
C ARG A 54 13.92 -3.54 -19.90
N TYR A 55 14.08 -2.41 -20.58
CA TYR A 55 14.18 -1.11 -19.94
C TYR A 55 12.93 -0.27 -20.19
N ILE A 56 12.44 0.39 -19.15
CA ILE A 56 11.31 1.31 -19.27
C ILE A 56 11.61 2.53 -18.43
N PRO A 57 11.37 3.73 -18.98
CA PRO A 57 11.57 4.96 -18.21
C PRO A 57 10.46 5.18 -17.18
N LEU A 58 10.80 5.94 -16.14
CA LEU A 58 9.82 6.38 -15.16
C LEU A 58 9.17 7.65 -15.70
N SER A 59 8.02 8.03 -15.15
CA SER A 59 7.32 9.22 -15.63
C SER A 59 8.01 10.51 -15.14
N GLN A 60 8.81 10.39 -14.09
CA GLN A 60 9.55 11.53 -13.56
CA GLN A 60 9.57 11.52 -13.57
C GLN A 60 10.77 10.98 -12.83
N PRO A 61 11.82 11.77 -12.70
CA PRO A 61 13.03 11.32 -12.01
C PRO A 61 12.78 11.03 -10.55
N MET A 62 13.34 9.92 -10.08
CA MET A 62 13.26 9.55 -8.68
C MET A 62 14.63 9.11 -8.19
N PRO A 63 15.54 10.08 -8.09
CA PRO A 63 16.92 9.80 -7.67
C PRO A 63 17.03 9.09 -6.33
N LEU A 64 16.08 9.28 -5.42
CA LEU A 64 16.14 8.59 -4.14
C LEU A 64 16.06 7.08 -4.31
N LEU A 65 15.47 6.63 -5.42
CA LEU A 65 15.33 5.19 -5.69
C LEU A 65 16.43 4.64 -6.60
N ALA A 66 17.46 5.43 -6.88
CA ALA A 66 18.54 4.95 -7.73
C ALA A 66 19.05 3.59 -7.26
N ASN A 67 19.23 2.66 -8.20
CA ASN A 67 19.78 1.33 -7.95
C ASN A 67 18.95 0.46 -7.03
N THR A 68 17.70 0.82 -6.82
CA THR A 68 16.86 0.09 -5.89
C THR A 68 15.99 -0.94 -6.59
N PRO A 69 16.02 -2.20 -6.13
CA PRO A 69 15.15 -3.24 -6.69
C PRO A 69 13.79 -3.30 -5.97
N PHE A 70 12.74 -3.63 -6.73
CA PHE A 70 11.40 -3.79 -6.19
C PHE A 70 10.76 -5.00 -6.84
N ILE A 71 9.80 -5.62 -6.14
CA ILE A 71 8.93 -6.59 -6.79
C ILE A 71 7.55 -5.91 -6.83
N VAL A 72 6.90 -6.02 -7.97
CA VAL A 72 5.70 -5.26 -8.26
C VAL A 72 4.66 -6.09 -8.99
N THR A 73 3.39 -5.68 -8.88
CA THR A 73 2.32 -6.28 -9.67
C THR A 73 2.23 -5.57 -11.01
N GLY A 74 1.72 -6.27 -12.01
CA GLY A 74 1.67 -5.73 -13.36
C GLY A 74 0.40 -4.99 -13.72
N SER A 75 0.51 -4.14 -14.72
CA SER A 75 -0.62 -3.38 -15.23
C SER A 75 -1.63 -4.32 -15.88
N GLY A 76 -2.89 -4.14 -15.50
CA GLY A 76 -3.98 -4.93 -16.04
C GLY A 76 -4.08 -6.33 -15.48
N LYS A 77 -3.18 -6.66 -14.56
CA LYS A 77 -3.13 -8.01 -14.03
C LYS A 77 -4.08 -8.16 -12.86
N PHE A 78 -4.57 -9.38 -12.67
CA PHE A 78 -5.55 -9.67 -11.63
C PHE A 78 -4.86 -10.27 -10.41
N PHE A 79 -5.14 -9.73 -9.22
CA PHE A 79 -4.61 -10.32 -7.99
C PHE A 79 -4.95 -11.82 -7.92
N ARG A 80 -6.13 -12.20 -8.39
CA ARG A 80 -6.58 -13.58 -8.33
C ARG A 80 -5.64 -14.54 -9.06
N ASN A 81 -4.96 -14.04 -10.08
CA ASN A 81 -4.12 -14.86 -10.94
C ASN A 81 -2.65 -14.95 -10.53
N VAL A 82 -2.22 -14.11 -9.58
CA VAL A 82 -0.82 -14.09 -9.19
C VAL A 82 -0.34 -15.49 -8.78
N GLN A 83 -1.14 -16.21 -8.00
CA GLN A 83 -0.77 -17.53 -7.53
C GLN A 83 -0.67 -18.56 -8.66
N LEU A 84 -1.40 -18.32 -9.75
CA LEU A 84 -1.42 -19.24 -10.88
C LEU A 84 -0.22 -19.08 -11.79
N ASP A 85 0.30 -17.86 -11.89
CA ASP A 85 1.43 -17.57 -12.77
C ASP A 85 2.15 -16.33 -12.27
N PRO A 86 3.00 -16.52 -11.26
CA PRO A 86 3.72 -15.39 -10.67
C PRO A 86 4.54 -14.59 -11.68
N ALA A 87 5.24 -15.26 -12.59
CA ALA A 87 6.08 -14.54 -13.56
C ALA A 87 5.28 -13.71 -14.56
N ALA A 88 4.04 -14.09 -14.81
CA ALA A 88 3.20 -13.33 -15.74
C ALA A 88 2.62 -12.08 -15.09
N ASN A 89 2.38 -12.15 -13.78
CA ASN A 89 1.64 -11.12 -13.09
C ASN A 89 2.45 -10.22 -12.19
N LEU A 90 3.68 -10.64 -11.90
CA LEU A 90 4.62 -9.88 -11.07
C LEU A 90 5.89 -9.66 -11.84
N GLY A 91 6.64 -8.64 -11.43
CA GLY A 91 7.95 -8.41 -11.98
C GLY A 91 8.91 -7.90 -10.94
N ILE A 92 10.19 -8.25 -11.11
CA ILE A 92 11.23 -7.66 -10.30
C ILE A 92 11.89 -6.62 -11.18
N VAL A 93 11.91 -5.39 -10.72
CA VAL A 93 12.51 -4.29 -11.45
C VAL A 93 13.62 -3.68 -10.64
N LYS A 94 14.62 -3.14 -11.32
CA LYS A 94 15.69 -2.44 -10.63
C LYS A 94 15.84 -1.07 -11.26
N VAL A 95 15.68 -0.05 -10.43
CA VAL A 95 15.76 1.32 -10.89
C VAL A 95 17.22 1.62 -11.23
N ASP A 96 17.43 2.35 -12.33
CA ASP A 96 18.78 2.64 -12.79
C ASP A 96 19.50 3.66 -11.91
N SER A 97 20.75 3.95 -12.25
CA SER A 97 21.58 4.82 -11.41
C SER A 97 21.18 6.29 -11.27
N ASP A 98 20.35 6.83 -12.16
CA ASP A 98 19.90 8.22 -12.00
CA ASP A 98 19.91 8.21 -12.02
C ASP A 98 18.44 8.30 -11.59
N GLY A 99 17.82 7.14 -11.36
CA GLY A 99 16.41 7.11 -10.99
C GLY A 99 15.54 7.57 -12.15
N ALA A 100 15.97 7.27 -13.37
CA ALA A 100 15.26 7.70 -14.58
C ALA A 100 14.39 6.62 -15.19
N GLY A 101 14.62 5.37 -14.80
CA GLY A 101 13.92 4.24 -15.39
C GLY A 101 14.38 2.98 -14.69
N TYR A 102 13.96 1.83 -15.18
CA TYR A 102 14.29 0.57 -14.53
C TYR A 102 14.39 -0.55 -15.55
N HIS A 103 15.09 -1.61 -15.15
CA HIS A 103 15.17 -2.83 -15.94
C HIS A 103 14.28 -3.89 -15.28
N ILE A 104 13.62 -4.69 -16.10
CA ILE A 104 12.77 -5.77 -15.60
C ILE A 104 13.62 -7.04 -15.55
N LEU A 105 14.13 -7.33 -14.37
CA LEU A 105 15.05 -8.44 -14.19
C LEU A 105 14.37 -9.80 -14.27
N TRP A 106 13.11 -9.86 -13.87
CA TRP A 106 12.40 -11.11 -13.81
C TRP A 106 10.92 -10.84 -13.94
N GLY A 107 10.20 -11.75 -14.59
CA GLY A 107 8.76 -11.64 -14.69
C GLY A 107 8.26 -10.64 -15.72
N LEU A 108 7.02 -10.23 -15.52
CA LEU A 108 6.29 -9.36 -16.44
C LEU A 108 6.47 -9.86 -17.87
N THR A 109 6.21 -11.15 -18.05
CA THR A 109 6.35 -11.79 -19.36
C THR A 109 5.33 -11.27 -20.35
N ASN A 110 5.54 -11.59 -21.62
CA ASN A 110 4.63 -11.19 -22.68
C ASN A 110 4.36 -9.70 -22.71
N GLU A 111 5.44 -8.94 -22.61
CA GLU A 111 5.44 -7.48 -22.70
C GLU A 111 4.57 -6.78 -21.66
N ALA A 112 4.37 -7.43 -20.52
CA ALA A 112 3.66 -6.78 -19.44
C ALA A 112 4.54 -5.67 -18.87
N VAL A 113 3.91 -4.71 -18.21
CA VAL A 113 4.62 -3.61 -17.58
C VAL A 113 4.10 -3.47 -16.15
N PRO A 114 4.82 -2.76 -15.30
CA PRO A 114 4.37 -2.57 -13.92
C PRO A 114 3.05 -1.81 -13.86
N THR A 115 2.38 -1.93 -12.72
CA THR A 115 1.13 -1.25 -12.45
C THR A 115 1.07 0.19 -12.96
N SER A 116 -0.11 0.55 -13.46
CA SER A 116 -0.34 1.91 -13.94
C SER A 116 -0.35 2.94 -12.81
N GLU A 117 -0.32 2.48 -11.56
CA GLU A 117 -0.22 3.41 -10.45
C GLU A 117 1.23 3.50 -9.96
N LEU A 118 2.19 3.17 -10.82
CA LEU A 118 3.58 3.26 -10.43
C LEU A 118 3.96 4.65 -9.85
N PRO A 119 3.46 5.76 -10.40
CA PRO A 119 3.77 7.05 -9.78
C PRO A 119 3.33 7.10 -8.32
N ALA A 120 2.08 6.76 -8.03
CA ALA A 120 1.63 6.75 -6.65
C ALA A 120 2.51 5.85 -5.81
N HIS A 121 2.86 4.69 -6.33
CA HIS A 121 3.69 3.77 -5.57
C HIS A 121 5.10 4.31 -5.32
N PHE A 122 5.83 4.59 -6.38
CA PHE A 122 7.22 4.99 -6.22
C PHE A 122 7.38 6.34 -5.52
N LEU A 123 6.50 7.30 -5.81
CA LEU A 123 6.56 8.56 -5.11
C LEU A 123 6.25 8.38 -3.62
N SER A 124 5.29 7.52 -3.30
CA SER A 124 4.99 7.24 -1.91
C SER A 124 6.14 6.52 -1.20
N HIS A 125 6.77 5.57 -1.87
CA HIS A 125 7.95 4.92 -1.29
C HIS A 125 8.98 5.99 -0.93
N CYS A 126 9.22 6.93 -1.85
CA CYS A 126 10.19 7.97 -1.56
C CYS A 126 9.83 8.75 -0.30
N GLU A 127 8.58 9.18 -0.18
CA GLU A 127 8.20 9.95 1.00
C GLU A 127 8.20 9.09 2.27
N ARG A 128 7.84 7.82 2.16
CA ARG A 128 7.86 6.94 3.33
C ARG A 128 9.29 6.59 3.75
N ILE A 129 10.20 6.46 2.80
CA ILE A 129 11.61 6.26 3.14
C ILE A 129 12.08 7.44 4.01
N LYS A 130 11.73 8.65 3.59
CA LYS A 130 12.14 9.84 4.33
CA LYS A 130 12.14 9.84 4.33
C LYS A 130 11.46 9.92 5.69
N ALA A 131 10.15 9.65 5.72
CA ALA A 131 9.38 9.77 6.96
C ALA A 131 9.70 8.71 8.01
N THR A 132 10.23 7.56 7.58
CA THR A 132 10.48 6.46 8.50
C THR A 132 11.95 6.06 8.56
N ASN A 133 12.84 6.93 8.06
CA ASN A 133 14.27 6.62 8.01
C ASN A 133 14.55 5.25 7.38
N GLY A 134 13.89 4.99 6.26
CA GLY A 134 14.12 3.78 5.50
C GLY A 134 13.47 2.51 6.01
N LYS A 135 12.62 2.60 7.02
CA LYS A 135 11.98 1.40 7.57
C LYS A 135 10.83 0.88 6.69
N ASP A 136 10.02 1.77 6.15
CA ASP A 136 8.90 1.34 5.32
C ASP A 136 9.40 0.85 3.98
N ARG A 137 8.84 -0.27 3.52
CA ARG A 137 9.27 -0.92 2.28
C ARG A 137 8.13 -1.37 1.36
N VAL A 138 6.88 -1.17 1.78
CA VAL A 138 5.74 -1.64 1.02
C VAL A 138 4.71 -0.55 0.81
N ILE A 139 4.19 -0.47 -0.41
CA ILE A 139 3.00 0.33 -0.70
C ILE A 139 1.97 -0.63 -1.28
N MET A 140 0.80 -0.67 -0.65
CA MET A 140 -0.29 -1.52 -1.09
CA MET A 140 -0.29 -1.52 -1.09
C MET A 140 -1.55 -0.72 -1.34
N HIS A 141 -2.17 -0.95 -2.49
CA HIS A 141 -3.44 -0.34 -2.84
C HIS A 141 -4.45 -1.44 -3.08
N CYS A 142 -5.62 -1.32 -2.47
CA CYS A 142 -6.70 -2.26 -2.75
CA CYS A 142 -6.70 -2.27 -2.73
C CYS A 142 -8.03 -1.55 -2.64
N HIS A 143 -9.08 -2.22 -3.09
CA HIS A 143 -10.41 -1.66 -3.07
C HIS A 143 -11.18 -2.21 -1.87
N ALA A 144 -10.74 -1.80 -0.69
CA ALA A 144 -11.30 -2.29 0.56
C ALA A 144 -12.76 -1.83 0.67
N THR A 145 -13.66 -2.81 0.65
CA THR A 145 -15.09 -2.57 0.44
C THR A 145 -15.77 -1.62 1.40
N ASN A 146 -15.59 -1.86 2.70
CA ASN A 146 -16.25 -1.02 3.70
C ASN A 146 -15.66 0.38 3.77
N LEU A 147 -14.35 0.49 3.64
CA LEU A 147 -13.73 1.81 3.59
C LEU A 147 -14.31 2.60 2.41
N ILE A 148 -14.46 1.95 1.26
CA ILE A 148 -15.04 2.62 0.11
C ILE A 148 -16.45 3.09 0.41
N ALA A 149 -17.27 2.22 0.96
CA ALA A 149 -18.64 2.58 1.29
C ALA A 149 -18.67 3.79 2.23
N LEU A 150 -17.78 3.80 3.22
CA LEU A 150 -17.78 4.91 4.16
C LEU A 150 -17.46 6.25 3.50
N THR A 151 -16.71 6.25 2.39
CA THR A 151 -16.41 7.53 1.75
C THR A 151 -17.63 8.20 1.13
N TYR A 152 -18.75 7.48 1.01
CA TYR A 152 -19.99 8.08 0.51
C TYR A 152 -20.85 8.65 1.64
N VAL A 153 -20.54 8.30 2.89
CA VAL A 153 -21.39 8.70 4.02
C VAL A 153 -20.72 9.52 5.10
N LEU A 154 -19.42 9.30 5.36
CA LEU A 154 -18.68 10.10 6.32
C LEU A 154 -18.10 11.33 5.66
N GLU A 155 -17.88 12.38 6.44
CA GLU A 155 -17.22 13.56 5.94
C GLU A 155 -15.83 13.14 5.47
N ASN A 156 -15.47 13.55 4.26
CA ASN A 156 -14.18 13.18 3.69
C ASN A 156 -13.13 14.13 4.22
N ASP A 157 -12.84 13.96 5.51
CA ASP A 157 -11.96 14.81 6.26
C ASP A 157 -11.06 13.92 7.10
N THR A 158 -9.77 14.20 7.08
CA THR A 158 -8.81 13.37 7.80
C THR A 158 -9.14 13.18 9.29
N ALA A 159 -9.43 14.26 9.99
CA ALA A 159 -9.72 14.15 11.41
C ALA A 159 -10.96 13.32 11.69
N VAL A 160 -12.04 13.61 10.98
CA VAL A 160 -13.30 12.92 11.21
C VAL A 160 -13.19 11.44 10.86
N PHE A 161 -12.62 11.16 9.70
CA PHE A 161 -12.51 9.77 9.24
C PHE A 161 -11.59 8.97 10.17
N THR A 162 -10.46 9.57 10.53
CA THR A 162 -9.53 8.94 11.46
C THR A 162 -10.21 8.61 12.78
N ARG A 163 -10.90 9.60 13.34
CA ARG A 163 -11.58 9.41 14.62
C ARG A 163 -12.62 8.30 14.57
N GLN A 164 -13.43 8.25 13.52
CA GLN A 164 -14.41 7.16 13.43
C GLN A 164 -13.72 5.81 13.34
N LEU A 165 -12.67 5.71 12.53
CA LEU A 165 -11.96 4.44 12.41
C LEU A 165 -11.30 4.03 13.72
N TRP A 166 -10.72 4.98 14.45
CA TRP A 166 -10.19 4.67 15.76
C TRP A 166 -11.28 4.11 16.66
N GLU A 167 -12.48 4.67 16.57
CA GLU A 167 -13.56 4.24 17.44
C GLU A 167 -14.08 2.84 17.11
N GLY A 168 -13.95 2.44 15.86
CA GLY A 168 -14.50 1.20 15.35
C GLY A 168 -13.80 -0.09 15.72
N SER A 169 -12.62 0.00 16.33
CA SER A 169 -11.92 -1.17 16.89
C SER A 169 -10.83 -0.60 17.78
N THR A 170 -10.73 -1.12 19.00
CA THR A 170 -9.79 -0.59 19.97
C THR A 170 -8.36 -0.49 19.47
N GLU A 171 -7.89 -1.50 18.77
CA GLU A 171 -6.51 -1.55 18.27
C GLU A 171 -6.15 -0.44 17.26
N CYS A 172 -7.15 0.18 16.64
CA CYS A 172 -6.87 1.09 15.53
C CYS A 172 -5.92 2.24 15.85
N LEU A 173 -6.14 2.92 16.96
CA LEU A 173 -5.26 4.02 17.34
CA LEU A 173 -5.26 4.02 17.35
C LEU A 173 -3.82 3.56 17.51
N VAL A 174 -3.64 2.32 17.98
CA VAL A 174 -2.29 1.77 18.17
C VAL A 174 -1.64 1.41 16.84
N VAL A 175 -2.45 0.93 15.90
CA VAL A 175 -1.95 0.49 14.61
C VAL A 175 -1.70 1.67 13.65
N PHE A 176 -2.56 2.68 13.70
CA PHE A 176 -2.38 3.88 12.88
C PHE A 176 -2.62 5.16 13.70
N PRO A 177 -1.73 5.44 14.63
CA PRO A 177 -1.88 6.65 15.46
C PRO A 177 -1.77 7.93 14.63
N ASP A 178 -1.08 7.87 13.50
CA ASP A 178 -0.95 9.04 12.63
C ASP A 178 -2.22 9.28 11.82
N GLY A 179 -3.16 8.35 11.88
CA GLY A 179 -4.43 8.54 11.21
C GLY A 179 -4.43 8.19 9.74
N VAL A 180 -5.51 8.62 9.09
CA VAL A 180 -5.78 8.29 7.71
C VAL A 180 -5.98 9.59 6.95
N GLY A 181 -5.14 9.81 5.94
CA GLY A 181 -5.29 10.96 5.09
C GLY A 181 -6.34 10.67 4.05
N ILE A 182 -7.08 11.69 3.63
CA ILE A 182 -8.05 11.49 2.57
C ILE A 182 -7.91 12.56 1.51
N LEU A 183 -7.75 12.13 0.27
CA LEU A 183 -7.67 13.03 -0.86
C LEU A 183 -9.05 13.36 -1.37
N PRO A 184 -9.16 14.43 -2.15
CA PRO A 184 -10.37 14.65 -2.92
C PRO A 184 -10.38 13.57 -3.99
N TRP A 185 -11.54 13.27 -4.57
CA TRP A 185 -11.56 12.37 -5.71
C TRP A 185 -10.64 12.93 -6.81
N MET A 186 -9.87 12.05 -7.44
CA MET A 186 -9.00 12.43 -8.55
C MET A 186 -8.98 11.30 -9.57
N VAL A 187 -8.71 11.65 -10.82
CA VAL A 187 -8.57 10.66 -11.88
C VAL A 187 -7.38 9.77 -11.52
N PRO A 188 -7.57 8.45 -11.49
CA PRO A 188 -6.49 7.54 -11.12
C PRO A 188 -5.49 7.30 -12.24
N GLY A 189 -4.32 6.77 -11.90
CA GLY A 189 -3.31 6.41 -12.87
C GLY A 189 -2.49 7.57 -13.40
N THR A 190 -2.51 8.69 -12.69
CA THR A 190 -1.82 9.89 -13.15
C THR A 190 -0.65 10.26 -12.25
N ASP A 191 0.20 11.13 -12.76
CA ASP A 191 1.26 11.70 -11.95
C ASP A 191 0.65 12.55 -10.85
N ALA A 192 -0.41 13.29 -11.16
CA ALA A 192 -1.04 14.16 -10.17
C ALA A 192 -1.55 13.38 -8.95
N ILE A 193 -2.28 12.28 -9.18
CA ILE A 193 -2.80 11.53 -8.04
C ILE A 193 -1.66 10.87 -7.28
N GLY A 194 -0.60 10.49 -8.00
CA GLY A 194 0.55 9.89 -7.35
C GLY A 194 1.23 10.89 -6.43
N GLN A 195 1.41 12.11 -6.92
CA GLN A 195 2.03 13.18 -6.15
C GLN A 195 1.16 13.54 -4.93
N ALA A 196 -0.15 13.62 -5.13
CA ALA A 196 -1.08 13.95 -4.04
C ALA A 196 -1.06 12.87 -2.96
N THR A 197 -0.98 11.62 -3.37
CA THR A 197 -0.91 10.50 -2.44
C THR A 197 0.40 10.55 -1.64
N ALA A 198 1.49 10.78 -2.35
CA ALA A 198 2.80 10.84 -1.70
C ALA A 198 2.85 11.96 -0.67
N GLN A 199 2.22 13.09 -0.96
CA GLN A 199 2.17 14.19 0.00
C GLN A 199 1.46 13.76 1.28
N GLU A 200 0.34 13.06 1.14
CA GLU A 200 -0.38 12.57 2.32
C GLU A 200 0.45 11.55 3.08
N MET A 201 1.23 10.75 2.35
CA MET A 201 2.10 9.75 2.95
C MET A 201 3.19 10.37 3.83
N GLN A 202 3.45 11.67 3.69
CA GLN A 202 4.42 12.32 4.56
C GLN A 202 3.93 12.33 6.00
N LYS A 203 2.61 12.30 6.19
CA LYS A 203 2.01 12.46 7.51
C LYS A 203 1.15 11.29 7.97
N HIS A 204 0.89 10.35 7.07
CA HIS A 204 0.01 9.23 7.38
C HIS A 204 0.51 7.96 6.69
N SER A 205 0.25 6.80 7.30
CA SER A 205 0.58 5.52 6.69
C SER A 205 -0.58 4.97 5.85
N LEU A 206 -1.75 5.58 5.99
CA LEU A 206 -2.94 5.20 5.22
C LEU A 206 -3.48 6.43 4.52
N VAL A 207 -3.85 6.27 3.25
CA VAL A 207 -4.44 7.33 2.45
C VAL A 207 -5.65 6.77 1.70
N LEU A 208 -6.78 7.45 1.83
CA LEU A 208 -8.00 7.07 1.14
C LEU A 208 -8.21 7.87 -0.13
N TRP A 209 -8.65 7.14 -1.15
CA TRP A 209 -9.08 7.67 -2.43
C TRP A 209 -10.60 7.52 -2.43
N PRO A 210 -11.35 8.60 -2.24
CA PRO A 210 -12.81 8.49 -2.15
C PRO A 210 -13.43 7.79 -3.34
N PHE A 211 -14.40 6.93 -3.07
CA PHE A 211 -15.14 6.26 -4.12
C PHE A 211 -14.22 5.33 -4.92
N HIS A 212 -13.12 4.92 -4.31
CA HIS A 212 -12.13 4.12 -5.01
C HIS A 212 -11.43 3.10 -4.11
N GLY A 213 -10.67 3.56 -3.12
CA GLY A 213 -9.96 2.61 -2.30
C GLY A 213 -8.97 3.22 -1.34
N VAL A 214 -7.96 2.44 -1.00
CA VAL A 214 -7.01 2.81 0.02
C VAL A 214 -5.59 2.47 -0.38
N PHE A 215 -4.65 3.25 0.13
CA PHE A 215 -3.23 2.99 0.01
C PHE A 215 -2.68 2.86 1.43
N GLY A 216 -1.83 1.88 1.65
CA GLY A 216 -1.15 1.71 2.93
C GLY A 216 0.34 1.52 2.74
N SER A 217 1.11 1.88 3.77
CA SER A 217 2.54 1.73 3.78
C SER A 217 2.99 1.05 5.06
N GLY A 218 4.04 0.24 4.97
CA GLY A 218 4.57 -0.44 6.12
C GLY A 218 5.91 -1.09 5.84
N PRO A 219 6.57 -1.58 6.88
CA PRO A 219 7.90 -2.20 6.74
CA PRO A 219 7.91 -2.19 6.75
C PRO A 219 7.93 -3.58 6.08
N THR A 220 6.84 -4.33 6.19
CA THR A 220 6.78 -5.67 5.59
C THR A 220 5.42 -5.86 4.96
N LEU A 221 5.32 -6.90 4.12
CA LEU A 221 4.04 -7.24 3.50
C LEU A 221 2.97 -7.49 4.57
N ASP A 222 3.29 -8.33 5.56
CA ASP A 222 2.30 -8.63 6.59
C ASP A 222 1.88 -7.39 7.36
N GLU A 223 2.83 -6.54 7.73
CA GLU A 223 2.47 -5.37 8.51
C GLU A 223 1.61 -4.40 7.70
N THR A 224 1.86 -4.33 6.40
CA THR A 224 1.11 -3.41 5.55
C THR A 224 -0.28 -3.96 5.25
N PHE A 225 -0.34 -5.25 4.93
CA PHE A 225 -1.63 -5.92 4.75
C PHE A 225 -2.43 -5.80 6.05
N GLY A 226 -1.77 -6.07 7.17
CA GLY A 226 -2.42 -5.99 8.47
C GLY A 226 -2.93 -4.61 8.82
N LEU A 227 -2.21 -3.58 8.39
CA LEU A 227 -2.61 -2.20 8.58
C LEU A 227 -3.95 -1.94 7.86
N ILE A 228 -3.98 -2.28 6.58
CA ILE A 228 -5.19 -2.12 5.81
C ILE A 228 -6.33 -2.99 6.35
N ASP A 229 -6.03 -4.24 6.69
CA ASP A 229 -7.04 -5.18 7.23
C ASP A 229 -7.63 -4.63 8.53
N THR A 230 -6.79 -3.98 9.34
CA THR A 230 -7.28 -3.36 10.57
C THR A 230 -8.26 -2.21 10.28
N ALA A 231 -7.87 -1.31 9.40
CA ALA A 231 -8.72 -0.19 9.04
C ALA A 231 -10.02 -0.68 8.40
N GLU A 232 -9.91 -1.69 7.56
CA GLU A 232 -11.08 -2.24 6.89
C GLU A 232 -12.01 -3.00 7.84
N LYS A 233 -11.42 -3.66 8.84
CA LYS A 233 -12.21 -4.33 9.87
C LYS A 233 -13.01 -3.30 10.67
N SER A 234 -12.35 -2.23 11.09
CA SER A 234 -13.04 -1.15 11.77
C SER A 234 -14.15 -0.60 10.87
N ALA A 235 -13.85 -0.38 9.59
CA ALA A 235 -14.87 0.12 8.68
C ALA A 235 -16.06 -0.85 8.59
N GLN A 236 -15.78 -2.16 8.57
CA GLN A 236 -16.82 -3.17 8.52
C GLN A 236 -17.74 -3.07 9.75
N VAL A 237 -17.13 -2.90 10.91
CA VAL A 237 -17.88 -2.72 12.14
C VAL A 237 -18.74 -1.46 12.05
N LEU A 238 -18.14 -0.36 11.59
CA LEU A 238 -18.87 0.90 11.47
C LEU A 238 -20.05 0.79 10.53
N VAL A 239 -19.87 0.14 9.38
CA VAL A 239 -20.98 0.01 8.45
C VAL A 239 -22.15 -0.73 9.13
N LYS A 240 -21.85 -1.77 9.90
CA LYS A 240 -22.89 -2.47 10.64
C LYS A 240 -23.57 -1.54 11.65
N VAL A 241 -22.78 -0.83 12.43
CA VAL A 241 -23.31 0.07 13.45
C VAL A 241 -24.17 1.18 12.83
N TYR A 242 -23.68 1.80 11.76
CA TYR A 242 -24.44 2.85 11.10
C TYR A 242 -25.76 2.30 10.52
N SER A 243 -25.72 1.07 9.99
CA SER A 243 -26.91 0.42 9.46
C SER A 243 -27.94 0.08 10.53
N MET A 244 -27.50 0.03 11.79
CA MET A 244 -28.37 -0.26 12.92
C MET A 244 -28.82 1.00 13.64
N GLY A 245 -28.60 2.17 13.05
CA GLY A 245 -29.05 3.42 13.65
C GLY A 245 -27.98 4.27 14.30
N GLY A 246 -26.73 3.82 14.28
CA GLY A 246 -25.63 4.59 14.83
C GLY A 246 -25.22 4.19 16.23
N MET A 247 -24.12 4.79 16.68
CA MET A 247 -23.57 4.48 18.00
C MET A 247 -24.44 5.03 19.12
N LYS A 248 -24.71 4.17 20.09
CA LYS A 248 -25.34 4.56 21.35
C LYS A 248 -24.23 4.83 22.37
N GLN A 249 -23.09 4.18 22.18
CA GLN A 249 -21.89 4.42 22.96
C GLN A 249 -20.70 4.06 22.08
N THR A 250 -19.52 4.53 22.50
CA THR A 250 -18.31 4.32 21.72
C THR A 250 -17.07 4.62 22.56
N ILE A 251 -15.89 4.45 21.97
CA ILE A 251 -14.65 4.78 22.66
C ILE A 251 -14.55 6.29 22.77
N SER A 252 -14.32 6.77 23.99
CA SER A 252 -14.27 8.20 24.25
C SER A 252 -12.90 8.79 24.01
N ARG A 253 -12.84 10.12 23.97
CA ARG A 253 -11.56 10.78 23.80
C ARG A 253 -10.61 10.41 24.94
N GLU A 254 -11.13 10.41 26.15
CA GLU A 254 -10.33 10.08 27.32
C GLU A 254 -9.77 8.65 27.21
N GLU A 255 -10.56 7.73 26.69
CA GLU A 255 -10.12 6.36 26.51
C GLU A 255 -9.03 6.27 25.43
N LEU A 256 -9.22 6.99 24.34
CA LEU A 256 -8.21 7.03 23.28
C LEU A 256 -6.89 7.60 23.80
N ILE A 257 -6.97 8.64 24.62
CA ILE A 257 -5.77 9.24 25.20
C ILE A 257 -5.04 8.22 26.08
N ALA A 258 -5.79 7.51 26.94
CA ALA A 258 -5.20 6.50 27.81
C ALA A 258 -4.56 5.38 26.99
N LEU A 259 -5.24 4.99 25.92
CA LEU A 259 -4.73 3.97 25.03
C LEU A 259 -3.39 4.39 24.40
N GLY A 260 -3.33 5.63 23.90
CA GLY A 260 -2.12 6.15 23.32
C GLY A 260 -0.97 6.21 24.32
N LYS A 261 -1.26 6.62 25.54
CA LYS A 261 -0.23 6.71 26.58
C LYS A 261 0.34 5.32 26.89
N ARG A 262 -0.54 4.34 27.03
CA ARG A 262 -0.12 2.98 27.35
C ARG A 262 0.78 2.39 26.28
N PHE A 263 0.43 2.62 25.02
CA PHE A 263 1.17 2.03 23.91
C PHE A 263 2.28 2.92 23.35
N GLY A 264 2.51 4.06 23.99
CA GLY A 264 3.59 4.96 23.62
C GLY A 264 3.48 5.55 22.22
N VAL A 265 2.27 5.90 21.82
CA VAL A 265 2.06 6.51 20.51
C VAL A 265 1.39 7.87 20.72
N THR A 266 1.64 8.83 19.84
CA THR A 266 0.96 10.11 19.99
C THR A 266 -0.09 10.21 18.88
N PRO A 267 -1.35 10.21 19.31
CA PRO A 267 -2.46 10.23 18.35
C PRO A 267 -2.54 11.52 17.57
N LEU A 268 -2.89 11.43 16.29
CA LEU A 268 -3.10 12.60 15.46
C LEU A 268 -3.96 13.60 16.21
N ALA A 269 -3.43 14.80 16.43
CA ALA A 269 -4.09 15.76 17.31
C ALA A 269 -5.48 16.17 16.84
N SER A 270 -5.63 16.41 15.55
CA SER A 270 -6.90 16.87 15.01
C SER A 270 -8.02 15.84 15.23
N ALA A 271 -7.69 14.56 15.08
CA ALA A 271 -8.69 13.50 15.26
C ALA A 271 -9.03 13.34 16.74
N LEU A 272 -8.03 13.54 17.59
CA LEU A 272 -8.23 13.42 19.02
C LEU A 272 -9.09 14.56 19.56
N ALA A 273 -8.97 15.74 18.96
CA ALA A 273 -9.67 16.94 19.43
C ALA A 273 -11.18 16.92 19.21
N LEU A 274 -11.65 16.03 18.35
CA LEU A 274 -13.09 15.95 18.07
C LEU A 274 -13.86 15.39 19.26
ZN ZN B . -7.68 1.18 -7.65
P PO4 C . -3.37 -1.53 -12.62
O1 PO4 C . -4.56 -0.60 -12.59
O2 PO4 C . -2.50 -1.12 -13.80
O3 PO4 C . -3.85 -2.95 -12.83
O4 PO4 C . -2.55 -1.47 -11.35
P PO4 D . -6.27 1.03 -10.05
O1 PO4 D . -7.26 2.16 -10.24
O2 PO4 D . -6.30 0.11 -11.24
O3 PO4 D . -6.60 0.22 -8.81
O4 PO4 D . -4.89 1.58 -9.89
O1 2HA E . -6.27 2.39 -9.18
O2 2HA E . -6.72 -0.23 -8.62
O3 2HA E . -6.83 -0.80 -11.87
C1 2HA E . -6.03 1.35 -10.06
C2 2HA E . -6.28 0.09 -9.70
C3 2HA E . -5.96 -0.96 -10.74
C1 DIO F . 22.67 -15.26 -16.81
C2 DIO F . 20.28 -15.33 -16.24
C1' DIO F . 22.35 -15.63 -18.24
C2' DIO F . 19.96 -15.68 -17.69
O1 DIO F . 21.54 -14.68 -16.19
O1' DIO F . 21.10 -16.29 -18.30
C1 GOL G . -8.78 2.81 -13.49
O1 GOL G . -7.97 2.96 -12.33
C2 GOL G . -9.03 1.34 -13.82
O2 GOL G . -9.11 0.55 -12.64
C3 GOL G . -7.90 0.80 -14.69
O3 GOL G . -8.32 -0.43 -15.28
C1 GOL H . -6.50 -11.30 -17.14
O1 GOL H . -6.38 -12.67 -17.46
C2 GOL H . -5.34 -10.62 -17.87
O2 GOL H . -4.26 -10.62 -16.96
C3 GOL H . -5.67 -9.21 -18.35
O3 GOL H . -7.05 -9.11 -18.64
C1 GOL I . -6.66 -21.05 -6.00
O1 GOL I . -6.80 -20.83 -7.39
C2 GOL I . -7.97 -21.48 -5.35
O2 GOL I . -7.88 -22.83 -4.91
C3 GOL I . -9.10 -21.34 -6.35
O3 GOL I . -10.30 -21.93 -5.87
C1 GOL J . -24.56 6.78 8.16
O1 GOL J . -25.73 6.20 8.72
C2 GOL J . -24.24 8.05 8.92
O2 GOL J . -24.97 9.14 8.36
C3 GOL J . -22.75 8.33 8.85
O3 GOL J . -22.24 8.30 10.16
#